data_4HOG
#
_entry.id   4HOG
#
_cell.length_a   42.828
_cell.length_b   42.828
_cell.length_c   229.948
_cell.angle_alpha   90.00
_cell.angle_beta   90.00
_cell.angle_gamma   90.00
#
_symmetry.space_group_name_H-M   'P 41'
#
loop_
_entity.id
_entity.type
_entity.pdbx_description
1 polymer 'Dihydrofolate Reductase'
2 non-polymer 'NADPH DIHYDRO-NICOTINAMIDE-ADENINE-DINUCLEOTIDE PHOSPHATE'
3 non-polymer 5-[3-(2-methoxy-4-phenylphenyl)but-1-yn-1-yl]-6-methylpyrimidine-2,4-diamine
4 non-polymer 'CHLORIDE ION'
5 water water
#
_entity_poly.entity_id   1
_entity_poly.type   'polypeptide(L)'
_entity_poly.pdbx_seq_one_letter_code
;MSKVPVVGIVAALLPEMGIGFQGNLPWRLAKEMKYFREVTTLTNDNSKQNVVIMGRKTWESIPQKFRPLPKRINVVVSRS
FDGELRKVEDGIYHSNSLRNCLTALQSSLANENKIERIYIIGGGEIYRQSMDLADHWLITKIMPLPETTIPQMDTFLQKQ
ELEQRFYDNSDKLVDFLPSSIQLEGRLTSQEWNGELVKGLPVQEKGYQFYFTLYTKKLEHHHHHHHH
;
_entity_poly.pdbx_strand_id   A,B
#
loop_
_chem_comp.id
_chem_comp.type
_chem_comp.name
_chem_comp.formula
18H non-polymer 5-[3-(2-methoxy-4-phenylphenyl)but-1-yn-1-yl]-6-methylpyrimidine-2,4-diamine 'C22 H22 N4 O'
CL non-polymer 'CHLORIDE ION' 'Cl -1'
NDP non-polymer 'NADPH DIHYDRO-NICOTINAMIDE-ADENINE-DINUCLEOTIDE PHOSPHATE' 'C21 H30 N7 O17 P3'
#
# COMPACT_ATOMS: atom_id res chain seq x y z
N LYS A 3 -6.98 2.44 -16.80
CA LYS A 3 -7.61 1.67 -17.90
C LYS A 3 -6.87 0.37 -18.19
N VAL A 4 -5.56 0.35 -17.92
CA VAL A 4 -4.72 -0.83 -18.20
C VAL A 4 -4.74 -1.76 -16.97
N PRO A 5 -5.06 -3.06 -17.15
CA PRO A 5 -5.03 -3.94 -15.96
C PRO A 5 -3.62 -4.10 -15.40
N VAL A 6 -3.51 -4.16 -14.08
CA VAL A 6 -2.24 -4.40 -13.38
C VAL A 6 -2.26 -5.81 -12.79
N VAL A 7 -1.30 -6.64 -13.20
CA VAL A 7 -1.32 -8.07 -12.85
C VAL A 7 0.02 -8.48 -12.23
N GLY A 8 -0.01 -8.93 -10.98
CA GLY A 8 1.20 -9.48 -10.37
C GLY A 8 1.37 -10.86 -10.96
N ILE A 9 2.59 -11.23 -11.32
CA ILE A 9 2.87 -12.57 -11.80
C ILE A 9 4.08 -13.10 -11.03
N VAL A 10 3.94 -14.32 -10.53
CA VAL A 10 4.87 -14.90 -9.54
C VAL A 10 4.74 -16.42 -9.57
N ALA A 11 5.85 -17.10 -9.30
CA ALA A 11 5.88 -18.54 -9.06
C ALA A 11 6.20 -18.77 -7.58
N ALA A 12 5.32 -19.48 -6.86
CA ALA A 12 5.43 -19.64 -5.41
C ALA A 12 5.34 -21.12 -4.96
N LEU A 13 6.21 -21.55 -4.05
CA LEU A 13 6.19 -22.93 -3.52
C LEU A 13 5.28 -23.07 -2.32
N LEU A 14 4.29 -23.93 -2.45
CA LEU A 14 3.34 -24.19 -1.36
C LEU A 14 4.03 -24.97 -0.24
N PRO A 15 3.53 -24.84 1.01
CA PRO A 15 2.40 -24.03 1.44
C PRO A 15 2.77 -22.62 1.91
N GLU A 16 4.06 -22.32 2.09
CA GLU A 16 4.45 -21.00 2.59
C GLU A 16 4.51 -19.92 1.51
N MET A 17 4.40 -20.34 0.25
CA MET A 17 4.54 -19.43 -0.91
C MET A 17 5.92 -18.78 -0.97
N GLY A 18 6.95 -19.61 -0.83
CA GLY A 18 8.33 -19.13 -0.95
C GLY A 18 8.61 -18.82 -2.40
N ILE A 19 9.40 -17.78 -2.67
CA ILE A 19 9.63 -17.32 -4.06
C ILE A 19 11.12 -17.06 -4.38
N GLY A 20 11.98 -17.03 -3.36
CA GLY A 20 13.38 -16.71 -3.58
C GLY A 20 14.31 -17.20 -2.49
N PHE A 21 15.60 -17.27 -2.83
CA PHE A 21 16.64 -17.62 -1.87
C PHE A 21 17.96 -16.98 -2.33
N GLN A 22 18.58 -16.20 -1.44
CA GLN A 22 19.85 -15.54 -1.73
C GLN A 22 19.89 -14.78 -3.07
N GLY A 23 18.83 -14.03 -3.37
CA GLY A 23 18.77 -13.17 -4.56
C GLY A 23 18.40 -13.86 -5.87
N ASN A 24 18.13 -15.16 -5.81
CA ASN A 24 17.76 -15.95 -6.99
C ASN A 24 16.47 -16.74 -6.76
N LEU A 25 15.96 -17.36 -7.82
CA LEU A 25 14.87 -18.32 -7.73
C LEU A 25 15.35 -19.60 -7.02
N PRO A 26 14.47 -20.27 -6.25
CA PRO A 26 14.89 -21.52 -5.56
C PRO A 26 14.84 -22.79 -6.44
N TRP A 27 14.54 -22.63 -7.72
CA TRP A 27 14.41 -23.74 -8.67
C TRP A 27 14.73 -23.21 -10.04
N ARG A 28 14.88 -24.11 -11.00
CA ARG A 28 15.09 -23.73 -12.40
C ARG A 28 14.17 -24.63 -13.22
N LEU A 29 13.04 -24.09 -13.63
CA LEU A 29 12.00 -24.85 -14.30
C LEU A 29 11.70 -24.20 -15.65
N ALA A 30 12.14 -24.84 -16.73
CA ALA A 30 12.05 -24.25 -18.08
C ALA A 30 10.60 -24.06 -18.54
N LYS A 31 9.72 -25.01 -18.18
CA LYS A 31 8.31 -24.92 -18.56
C LYS A 31 7.62 -23.76 -17.84
N GLU A 32 8.10 -23.45 -16.64
CA GLU A 32 7.52 -22.34 -15.88
C GLU A 32 8.02 -21.02 -16.47
N MET A 33 9.33 -20.95 -16.75
CA MET A 33 9.92 -19.80 -17.42
CA MET A 33 9.95 -19.81 -17.45
C MET A 33 9.26 -19.52 -18.77
N LYS A 34 8.93 -20.59 -19.51
CA LYS A 34 8.24 -20.48 -20.81
C LYS A 34 6.88 -19.83 -20.65
N TYR A 35 6.12 -20.29 -19.66
CA TYR A 35 4.83 -19.68 -19.32
C TYR A 35 5.01 -18.20 -19.00
N PHE A 36 5.96 -17.89 -18.11
CA PHE A 36 6.20 -16.50 -17.74
C PHE A 36 6.52 -15.65 -18.99
N ARG A 37 7.46 -16.15 -19.79
CA ARG A 37 7.86 -15.48 -21.02
C ARG A 37 6.69 -15.24 -21.96
N GLU A 38 5.93 -16.28 -22.26
CA GLU A 38 4.82 -16.15 -23.19
C GLU A 38 3.72 -15.22 -22.69
N VAL A 39 3.33 -15.37 -21.42
CA VAL A 39 2.27 -14.54 -20.84
C VAL A 39 2.64 -13.06 -20.86
N THR A 40 3.84 -12.74 -20.39
CA THR A 40 4.25 -11.34 -20.32
C THR A 40 4.57 -10.73 -21.70
N THR A 41 4.94 -11.56 -22.68
CA THR A 41 5.29 -11.08 -24.02
C THR A 41 4.07 -10.88 -24.89
N LEU A 42 3.23 -11.91 -24.97
CA LEU A 42 2.09 -11.91 -25.89
C LEU A 42 0.99 -10.93 -25.51
N THR A 43 0.33 -10.42 -26.54
CA THR A 43 -0.80 -9.50 -26.38
C THR A 43 -1.92 -9.95 -27.31
N ASN A 44 -3.16 -9.61 -26.98
CA ASN A 44 -4.27 -9.86 -27.89
C ASN A 44 -4.21 -8.92 -29.08
N ASP A 45 -3.80 -7.68 -28.83
CA ASP A 45 -3.67 -6.70 -29.90
C ASP A 45 -2.19 -6.60 -30.27
N ASN A 46 -1.89 -6.89 -31.54
CA ASN A 46 -0.50 -6.99 -32.04
C ASN A 46 0.24 -5.66 -32.14
N SER A 47 -0.48 -4.55 -31.99
CA SER A 47 0.11 -3.21 -32.03
C SER A 47 0.51 -2.73 -30.63
N LYS A 48 0.16 -3.52 -29.61
CA LYS A 48 0.52 -3.20 -28.22
C LYS A 48 1.65 -4.07 -27.68
N GLN A 49 2.23 -3.62 -26.57
CA GLN A 49 3.19 -4.42 -25.81
C GLN A 49 2.72 -4.40 -24.36
N ASN A 50 3.24 -5.30 -23.55
CA ASN A 50 3.01 -5.25 -22.11
C ASN A 50 4.18 -4.56 -21.45
N VAL A 51 3.97 -4.07 -20.24
CA VAL A 51 5.03 -3.58 -19.39
C VAL A 51 5.37 -4.67 -18.38
N VAL A 52 6.65 -4.81 -18.05
CA VAL A 52 7.08 -5.58 -16.88
C VAL A 52 7.79 -4.62 -15.92
N ILE A 53 7.29 -4.54 -14.68
CA ILE A 53 7.88 -3.70 -13.65
C ILE A 53 8.54 -4.60 -12.62
N MET A 54 9.76 -4.25 -12.23
CA MET A 54 10.49 -5.06 -11.28
C MET A 54 11.33 -4.19 -10.35
N GLY A 55 11.60 -4.72 -9.16
CA GLY A 55 12.51 -4.07 -8.24
C GLY A 55 13.95 -4.25 -8.69
N ARG A 56 14.81 -3.38 -8.18
CA ARG A 56 16.22 -3.35 -8.56
C ARG A 56 16.90 -4.71 -8.34
N LYS A 57 16.62 -5.38 -7.22
CA LYS A 57 17.28 -6.65 -6.91
C LYS A 57 16.87 -7.76 -7.89
N THR A 58 15.60 -7.75 -8.28
CA THR A 58 15.10 -8.67 -9.28
C THR A 58 15.78 -8.45 -10.64
N TRP A 59 15.93 -7.19 -11.02
CA TRP A 59 16.65 -6.83 -12.25
C TRP A 59 18.04 -7.45 -12.25
N GLU A 60 18.74 -7.25 -11.14
CA GLU A 60 20.09 -7.77 -10.98
C GLU A 60 20.17 -9.29 -11.02
N SER A 61 19.06 -9.97 -10.76
CA SER A 61 19.00 -11.44 -10.79
C SER A 61 18.88 -12.04 -12.19
N ILE A 62 18.41 -11.26 -13.15
CA ILE A 62 18.23 -11.74 -14.51
C ILE A 62 19.58 -11.80 -15.24
N PRO A 63 19.90 -12.96 -15.87
CA PRO A 63 21.15 -13.09 -16.63
C PRO A 63 21.32 -11.93 -17.61
N GLN A 64 22.49 -11.30 -17.57
CA GLN A 64 22.77 -10.08 -18.38
C GLN A 64 22.52 -10.22 -19.89
N LYS A 65 22.69 -11.42 -20.44
CA LYS A 65 22.42 -11.62 -21.86
C LYS A 65 20.92 -11.61 -22.17
N PHE A 66 20.11 -11.73 -21.12
CA PHE A 66 18.67 -11.85 -21.31
C PHE A 66 17.86 -10.67 -20.79
N ARG A 67 18.55 -9.60 -20.41
CA ARG A 67 17.87 -8.35 -20.00
C ARG A 67 18.34 -7.18 -20.87
N PRO A 68 17.45 -6.21 -21.15
CA PRO A 68 16.04 -6.16 -20.74
C PRO A 68 15.26 -7.28 -21.43
N LEU A 69 14.18 -7.72 -20.80
CA LEU A 69 13.35 -8.78 -21.35
C LEU A 69 12.78 -8.33 -22.69
N PRO A 70 13.10 -9.07 -23.77
CA PRO A 70 12.70 -8.71 -25.13
C PRO A 70 11.19 -8.55 -25.34
N LYS A 71 10.83 -7.61 -26.20
CA LYS A 71 9.46 -7.38 -26.67
C LYS A 71 8.48 -6.91 -25.56
N ARG A 72 9.04 -6.49 -24.43
CA ARG A 72 8.26 -5.92 -23.33
C ARG A 72 8.92 -4.63 -22.87
N ILE A 73 8.13 -3.62 -22.50
CA ILE A 73 8.71 -2.43 -21.87
C ILE A 73 9.16 -2.79 -20.44
N ASN A 74 10.46 -2.65 -20.17
CA ASN A 74 11.02 -2.97 -18.84
C ASN A 74 11.10 -1.72 -17.98
N VAL A 75 10.61 -1.81 -16.74
CA VAL A 75 10.73 -0.74 -15.77
C VAL A 75 11.40 -1.28 -14.52
N VAL A 76 12.50 -0.65 -14.12
CA VAL A 76 13.20 -1.04 -12.90
C VAL A 76 12.99 0.08 -11.88
N VAL A 77 12.60 -0.29 -10.66
CA VAL A 77 12.40 0.69 -9.61
C VAL A 77 13.48 0.59 -8.52
N SER A 78 14.01 1.75 -8.14
CA SER A 78 15.02 1.86 -7.11
C SER A 78 14.82 3.20 -6.47
N ARG A 79 14.98 3.28 -5.15
CA ARG A 79 14.83 4.57 -4.45
C ARG A 79 15.95 5.53 -4.85
N SER A 80 17.06 5.03 -5.40
CA SER A 80 18.16 5.89 -5.80
C SER A 80 18.05 6.47 -7.22
N PHE A 81 16.97 6.12 -7.92
CA PHE A 81 16.72 6.65 -9.26
C PHE A 81 16.14 8.05 -9.21
N ASP A 82 16.10 8.72 -10.37
CA ASP A 82 15.74 10.15 -10.47
C ASP A 82 14.26 10.54 -10.32
N GLY A 83 13.42 10.04 -11.22
CA GLY A 83 12.03 10.47 -11.28
C GLY A 83 11.07 9.31 -11.40
N GLU A 84 9.81 9.63 -11.70
CA GLU A 84 8.74 8.64 -11.69
C GLU A 84 8.80 7.67 -12.85
N LEU A 85 9.40 8.11 -13.95
CA LEU A 85 9.50 7.28 -15.16
C LEU A 85 10.40 7.93 -16.20
N ARG A 86 11.63 7.44 -16.27
CA ARG A 86 12.65 8.03 -17.11
C ARG A 86 13.23 6.97 -18.03
N LYS A 87 13.27 7.24 -19.33
CA LYS A 87 13.95 6.34 -20.26
C LYS A 87 15.46 6.44 -20.04
N VAL A 88 16.11 5.31 -19.78
CA VAL A 88 17.56 5.31 -19.57
C VAL A 88 18.32 4.59 -20.68
N GLU A 89 17.68 3.64 -21.36
CA GLU A 89 18.26 2.93 -22.50
C GLU A 89 17.11 2.35 -23.32
N ASP A 90 17.42 1.86 -24.51
CA ASP A 90 16.40 1.20 -25.33
C ASP A 90 15.77 0.06 -24.53
N GLY A 91 14.46 0.13 -24.35
CA GLY A 91 13.72 -0.93 -23.68
C GLY A 91 13.74 -0.84 -22.17
N ILE A 92 14.47 0.14 -21.62
CA ILE A 92 14.65 0.28 -20.16
C ILE A 92 14.21 1.65 -19.64
N TYR A 93 13.23 1.63 -18.74
CA TYR A 93 12.86 2.80 -17.93
C TYR A 93 13.27 2.63 -16.49
N HIS A 94 13.64 3.74 -15.86
CA HIS A 94 13.92 3.80 -14.43
C HIS A 94 12.90 4.60 -13.70
N SER A 95 12.52 4.11 -12.52
CA SER A 95 11.61 4.84 -11.65
C SER A 95 12.04 4.78 -10.18
N ASN A 96 11.84 5.88 -9.47
CA ASN A 96 12.08 5.90 -8.03
C ASN A 96 10.81 5.66 -7.21
N SER A 97 9.74 5.21 -7.86
CA SER A 97 8.47 4.96 -7.18
C SER A 97 7.58 3.94 -7.90
N LEU A 98 7.36 2.79 -7.28
CA LEU A 98 6.39 1.83 -7.83
C LEU A 98 5.03 2.50 -8.12
N ARG A 99 4.50 3.20 -7.12
CA ARG A 99 3.18 3.82 -7.23
C ARG A 99 3.11 4.93 -8.29
N ASN A 100 4.09 5.81 -8.32
CA ASN A 100 4.08 6.92 -9.28
C ASN A 100 4.34 6.42 -10.70
N CYS A 101 5.18 5.40 -10.81
CA CYS A 101 5.42 4.79 -12.11
C CYS A 101 4.16 4.16 -12.72
N LEU A 102 3.34 3.50 -11.90
CA LEU A 102 2.05 2.98 -12.36
C LEU A 102 1.09 4.09 -12.79
N THR A 103 1.01 5.18 -12.02
CA THR A 103 0.21 6.33 -12.43
C THR A 103 0.68 6.90 -13.77
N ALA A 104 2.00 7.09 -13.89
CA ALA A 104 2.61 7.59 -15.12
C ALA A 104 2.31 6.65 -16.29
N LEU A 105 2.41 5.34 -16.07
CA LEU A 105 2.13 4.35 -17.12
C LEU A 105 0.66 4.29 -17.52
N GLN A 106 -0.24 4.81 -16.68
CA GLN A 106 -1.67 4.79 -16.97
C GLN A 106 -2.14 5.97 -17.84
N SER A 107 -1.34 7.04 -17.91
CA SER A 107 -1.70 8.20 -18.73
C SER A 107 -1.85 7.82 -20.19
N SER A 108 -3.05 7.96 -20.73
CA SER A 108 -3.28 7.66 -22.14
C SER A 108 -2.50 8.63 -23.04
N LEU A 109 -2.22 9.82 -22.52
CA LEU A 109 -1.41 10.78 -23.28
C LEU A 109 0.02 10.26 -23.44
N ALA A 110 0.59 9.73 -22.36
CA ALA A 110 1.94 9.16 -22.39
C ALA A 110 2.04 7.83 -23.15
N ASN A 111 1.08 6.93 -22.97
CA ASN A 111 1.14 5.61 -23.62
C ASN A 111 0.35 5.38 -24.91
N GLU A 112 -0.36 6.40 -25.37
CA GLU A 112 -1.09 6.36 -26.65
C GLU A 112 -1.99 5.11 -26.74
N ASN A 113 -2.49 4.67 -25.60
CA ASN A 113 -3.22 3.40 -25.49
C ASN A 113 -2.54 2.22 -26.19
N LYS A 114 -1.20 2.20 -26.19
CA LYS A 114 -0.46 1.08 -26.79
C LYS A 114 0.20 0.12 -25.76
N ILE A 115 -0.25 0.19 -24.52
CA ILE A 115 0.09 -0.79 -23.49
C ILE A 115 -1.14 -1.64 -23.28
N GLU A 116 -1.01 -2.96 -23.37
CA GLU A 116 -2.16 -3.83 -23.14
C GLU A 116 -2.31 -4.12 -21.64
N ARG A 117 -1.26 -4.67 -21.03
CA ARG A 117 -1.25 -4.97 -19.60
C ARG A 117 0.05 -4.54 -18.95
N ILE A 118 -0.02 -4.31 -17.65
CA ILE A 118 1.15 -4.02 -16.83
C ILE A 118 1.36 -5.21 -15.89
N TYR A 119 2.46 -5.94 -16.10
CA TYR A 119 2.84 -7.03 -15.21
C TYR A 119 3.84 -6.61 -14.16
N ILE A 120 3.53 -6.89 -12.90
CA ILE A 120 4.50 -6.73 -11.82
C ILE A 120 5.22 -8.07 -11.60
N ILE A 121 6.52 -8.10 -11.91
CA ILE A 121 7.22 -9.37 -12.03
C ILE A 121 8.19 -9.67 -10.88
N GLY A 122 8.11 -8.90 -9.80
CA GLY A 122 8.91 -9.19 -8.59
C GLY A 122 9.81 -8.05 -8.15
N GLY A 123 10.50 -8.19 -7.01
CA GLY A 123 10.52 -9.40 -6.18
C GLY A 123 9.70 -9.25 -4.91
N GLY A 124 10.20 -9.82 -3.81
CA GLY A 124 9.45 -9.88 -2.54
C GLY A 124 8.94 -8.54 -2.06
N GLU A 125 9.84 -7.55 -2.00
CA GLU A 125 9.51 -6.22 -1.50
C GLU A 125 8.47 -5.54 -2.42
N ILE A 126 8.65 -5.72 -3.72
CA ILE A 126 7.73 -5.18 -4.71
C ILE A 126 6.34 -5.78 -4.56
N TYR A 127 6.28 -7.12 -4.47
CA TYR A 127 5.01 -7.84 -4.29
C TYR A 127 4.25 -7.43 -3.02
N ARG A 128 5.00 -7.21 -1.93
CA ARG A 128 4.42 -6.74 -0.66
C ARG A 128 3.65 -5.44 -0.85
N GLN A 129 4.22 -4.55 -1.66
CA GLN A 129 3.64 -3.26 -1.94
C GLN A 129 2.57 -3.31 -3.03
N SER A 130 2.44 -4.46 -3.69
CA SER A 130 1.55 -4.56 -4.84
C SER A 130 0.17 -5.15 -4.54
N MET A 131 -0.03 -5.66 -3.33
CA MET A 131 -1.33 -6.25 -2.96
C MET A 131 -2.49 -5.27 -3.09
N ASP A 132 -2.23 -4.00 -2.82
CA ASP A 132 -3.26 -2.98 -2.97
C ASP A 132 -3.22 -2.29 -4.32
N LEU A 133 -2.43 -2.82 -5.24
CA LEU A 133 -2.24 -2.19 -6.55
C LEU A 133 -2.71 -3.10 -7.70
N ALA A 134 -2.49 -4.40 -7.58
CA ALA A 134 -2.83 -5.34 -8.63
C ALA A 134 -4.34 -5.60 -8.74
N ASP A 135 -4.81 -5.75 -9.96
CA ASP A 135 -6.19 -6.14 -10.22
C ASP A 135 -6.35 -7.66 -10.20
N HIS A 136 -5.28 -8.35 -10.57
CA HIS A 136 -5.24 -9.81 -10.59
C HIS A 136 -3.87 -10.26 -10.16
N TRP A 137 -3.76 -11.53 -9.79
CA TRP A 137 -2.49 -12.21 -9.62
C TRP A 137 -2.46 -13.47 -10.44
N LEU A 138 -1.45 -13.62 -11.28
CA LEU A 138 -1.15 -14.92 -11.90
C LEU A 138 -0.10 -15.62 -11.03
N ILE A 139 -0.51 -16.69 -10.36
CA ILE A 139 0.36 -17.37 -9.39
C ILE A 139 0.55 -18.80 -9.87
N THR A 140 1.80 -19.17 -10.11
CA THR A 140 2.12 -20.56 -10.37
C THR A 140 2.36 -21.23 -9.01
N LYS A 141 1.47 -22.13 -8.59
CA LYS A 141 1.61 -22.81 -7.30
C LYS A 141 2.44 -24.09 -7.46
N ILE A 142 3.60 -24.10 -6.80
CA ILE A 142 4.56 -25.18 -6.99
C ILE A 142 4.58 -26.10 -5.76
N MET A 143 4.60 -27.41 -6.02
CA MET A 143 4.62 -28.41 -4.96
C MET A 143 5.71 -29.40 -5.28
N PRO A 144 6.58 -29.69 -4.31
CA PRO A 144 7.56 -30.76 -4.48
C PRO A 144 6.80 -32.08 -4.50
N LEU A 145 7.11 -32.92 -5.49
CA LEU A 145 6.59 -34.28 -5.55
C LEU A 145 7.11 -35.08 -4.33
N PRO A 146 6.43 -36.20 -3.98
CA PRO A 146 6.71 -36.93 -2.74
C PRO A 146 8.18 -37.14 -2.32
N GLU A 147 9.07 -37.49 -3.23
CA GLU A 147 10.48 -37.72 -2.82
C GLU A 147 11.39 -36.50 -3.04
N THR A 148 10.79 -35.35 -3.34
CA THR A 148 11.55 -34.15 -3.65
C THR A 148 11.86 -33.35 -2.38
N THR A 149 13.13 -33.00 -2.21
CA THR A 149 13.55 -32.14 -1.13
C THR A 149 12.97 -30.72 -1.27
N ILE A 150 12.36 -30.21 -0.20
CA ILE A 150 11.89 -28.82 -0.18
C ILE A 150 13.10 -27.89 -0.24
N PRO A 151 13.16 -27.00 -1.26
CA PRO A 151 14.33 -26.12 -1.33
C PRO A 151 14.35 -25.06 -0.21
N GLN A 152 15.54 -24.58 0.15
CA GLN A 152 15.67 -23.52 1.14
C GLN A 152 15.19 -22.19 0.52
N MET A 153 14.48 -21.37 1.30
CA MET A 153 13.91 -20.12 0.80
C MET A 153 13.97 -19.03 1.87
N ASP A 154 14.13 -17.78 1.44
CA ASP A 154 14.24 -16.65 2.38
C ASP A 154 13.32 -15.48 1.99
N THR A 155 12.48 -15.68 0.98
CA THR A 155 11.58 -14.65 0.48
C THR A 155 10.23 -15.28 0.14
N PHE A 156 9.17 -14.62 0.57
CA PHE A 156 7.83 -15.22 0.53
C PHE A 156 6.77 -14.25 0.03
N LEU A 157 5.78 -14.77 -0.67
CA LEU A 157 4.61 -13.98 -1.03
C LEU A 157 3.75 -13.84 0.23
N GLN A 158 3.07 -12.72 0.38
CA GLN A 158 2.18 -12.52 1.52
C GLN A 158 0.81 -13.19 1.30
N LYS A 159 0.73 -14.47 1.66
CA LYS A 159 -0.46 -15.29 1.40
C LYS A 159 -1.67 -14.77 2.18
N GLN A 160 -1.46 -14.28 3.40
CA GLN A 160 -2.57 -13.73 4.20
C GLN A 160 -3.22 -12.57 3.46
N GLU A 161 -2.39 -11.62 3.01
CA GLU A 161 -2.91 -10.43 2.31
C GLU A 161 -3.56 -10.79 0.99
N LEU A 162 -2.96 -11.75 0.27
CA LEU A 162 -3.56 -12.28 -0.95
C LEU A 162 -4.98 -12.80 -0.72
N GLU A 163 -5.16 -13.67 0.27
CA GLU A 163 -6.45 -14.34 0.46
C GLU A 163 -7.52 -13.43 1.08
N GLN A 164 -7.05 -12.37 1.74
CA GLN A 164 -7.93 -11.32 2.21
C GLN A 164 -8.55 -10.48 1.07
N ARG A 165 -7.76 -10.18 0.05
CA ARG A 165 -8.15 -9.23 -1.01
C ARG A 165 -8.64 -9.90 -2.29
N PHE A 166 -8.18 -11.13 -2.54
CA PHE A 166 -8.43 -11.83 -3.80
C PHE A 166 -9.04 -13.19 -3.57
N TYR A 167 -9.72 -13.71 -4.58
CA TYR A 167 -10.23 -15.06 -4.53
C TYR A 167 -9.65 -15.84 -5.70
N ASP A 168 -9.68 -17.17 -5.58
CA ASP A 168 -9.16 -18.06 -6.60
C ASP A 168 -10.14 -18.11 -7.79
N ASN A 169 -9.72 -17.47 -8.88
CA ASN A 169 -10.53 -17.33 -10.10
C ASN A 169 -9.99 -18.20 -11.23
N SER A 170 -9.38 -19.34 -10.88
CA SER A 170 -8.68 -20.17 -11.87
C SER A 170 -9.59 -20.78 -12.93
N ASP A 171 -10.89 -20.87 -12.63
CA ASP A 171 -11.89 -21.25 -13.64
C ASP A 171 -11.83 -20.33 -14.87
N LYS A 172 -11.36 -19.10 -14.69
CA LYS A 172 -11.29 -18.14 -15.78
C LYS A 172 -9.85 -17.88 -16.28
N LEU A 173 -8.88 -18.66 -15.81
CA LEU A 173 -7.48 -18.50 -16.27
C LEU A 173 -7.33 -18.57 -17.79
N VAL A 174 -7.86 -19.63 -18.41
CA VAL A 174 -7.71 -19.83 -19.85
C VAL A 174 -8.21 -18.62 -20.64
N ASP A 175 -9.39 -18.11 -20.29
CA ASP A 175 -9.93 -16.93 -20.96
C ASP A 175 -9.17 -15.63 -20.64
N PHE A 176 -8.43 -15.60 -19.53
CA PHE A 176 -7.69 -14.42 -19.10
C PHE A 176 -6.37 -14.26 -19.84
N LEU A 177 -5.76 -15.38 -20.20
CA LEU A 177 -4.45 -15.37 -20.86
C LEU A 177 -4.56 -14.92 -22.31
N PRO A 178 -3.48 -14.32 -22.86
CA PRO A 178 -3.49 -13.96 -24.27
C PRO A 178 -3.93 -15.14 -25.12
N SER A 179 -4.68 -14.88 -26.18
CA SER A 179 -5.31 -15.92 -26.98
C SER A 179 -4.38 -16.97 -27.57
N SER A 180 -3.22 -16.54 -28.05
CA SER A 180 -2.37 -17.44 -28.80
C SER A 180 -1.57 -18.41 -27.94
N ILE A 181 -1.56 -18.20 -26.62
CA ILE A 181 -0.89 -19.13 -25.71
C ILE A 181 -1.62 -20.47 -25.70
N GLN A 182 -0.86 -21.55 -25.58
CA GLN A 182 -1.44 -22.88 -25.45
C GLN A 182 -0.83 -23.59 -24.25
N LEU A 183 -1.71 -24.14 -23.43
CA LEU A 183 -1.30 -24.87 -22.23
C LEU A 183 -1.62 -26.35 -22.42
N GLU A 184 -0.80 -27.22 -21.83
CA GLU A 184 -0.96 -28.67 -21.99
C GLU A 184 -2.10 -29.22 -21.13
N GLY A 185 -2.16 -28.81 -19.87
CA GLY A 185 -3.08 -29.42 -18.92
C GLY A 185 -4.52 -28.96 -19.03
N ARG A 186 -5.41 -29.70 -18.39
CA ARG A 186 -6.81 -29.28 -18.23
C ARG A 186 -7.03 -28.83 -16.79
N LEU A 187 -7.99 -27.93 -16.59
CA LEU A 187 -8.35 -27.44 -15.26
C LEU A 187 -8.57 -28.60 -14.29
N THR A 188 -7.89 -28.53 -13.14
CA THR A 188 -7.87 -29.61 -12.15
C THR A 188 -7.97 -29.00 -10.75
N SER A 189 -8.68 -29.69 -9.85
CA SER A 189 -8.74 -29.34 -8.43
C SER A 189 -8.14 -30.47 -7.63
N GLN A 190 -7.13 -30.16 -6.82
CA GLN A 190 -6.42 -31.15 -6.06
C GLN A 190 -6.19 -30.63 -4.66
N GLU A 191 -6.42 -31.49 -3.67
CA GLU A 191 -6.13 -31.16 -2.29
C GLU A 191 -4.65 -31.41 -2.03
N TRP A 192 -3.98 -30.46 -1.40
CA TRP A 192 -2.57 -30.66 -1.08
C TRP A 192 -2.21 -30.06 0.24
N ASN A 193 -1.82 -30.92 1.18
CA ASN A 193 -1.54 -30.52 2.57
C ASN A 193 -2.62 -29.61 3.16
N GLY A 194 -3.88 -29.98 2.91
CA GLY A 194 -5.04 -29.24 3.39
C GLY A 194 -5.69 -28.35 2.35
N GLU A 195 -4.89 -27.50 1.70
CA GLU A 195 -5.40 -26.48 0.77
C GLU A 195 -5.90 -27.02 -0.57
N LEU A 196 -6.94 -26.36 -1.10
CA LEU A 196 -7.44 -26.65 -2.44
C LEU A 196 -6.56 -25.96 -3.50
N VAL A 197 -5.97 -26.76 -4.38
CA VAL A 197 -5.15 -26.22 -5.47
C VAL A 197 -5.87 -26.46 -6.80
N LYS A 198 -6.25 -25.36 -7.45
CA LYS A 198 -7.00 -25.41 -8.71
C LYS A 198 -6.27 -24.62 -9.78
N GLY A 199 -6.10 -25.24 -10.95
CA GLY A 199 -5.41 -24.60 -12.04
C GLY A 199 -5.04 -25.58 -13.15
N LEU A 200 -4.10 -25.16 -13.98
CA LEU A 200 -3.63 -25.98 -15.09
C LEU A 200 -2.31 -26.62 -14.72
N PRO A 201 -2.28 -27.96 -14.66
CA PRO A 201 -1.12 -28.63 -14.07
C PRO A 201 0.01 -28.92 -15.06
N VAL A 202 1.23 -28.95 -14.52
CA VAL A 202 2.45 -29.26 -15.23
C VAL A 202 3.38 -29.98 -14.25
N GLN A 203 4.20 -30.90 -14.76
CA GLN A 203 5.23 -31.52 -13.97
C GLN A 203 6.58 -31.29 -14.62
N GLU A 204 7.57 -30.95 -13.81
CA GLU A 204 8.91 -30.75 -14.32
C GLU A 204 9.92 -30.98 -13.23
N LYS A 205 10.92 -31.79 -13.56
CA LYS A 205 11.94 -32.21 -12.63
C LYS A 205 11.25 -32.77 -11.37
N GLY A 206 11.57 -32.28 -10.19
CA GLY A 206 11.00 -32.86 -8.97
C GLY A 206 9.68 -32.25 -8.51
N TYR A 207 9.07 -31.43 -9.36
CA TYR A 207 7.92 -30.62 -8.93
C TYR A 207 6.68 -30.79 -9.79
N GLN A 208 5.52 -30.70 -9.14
CA GLN A 208 4.28 -30.45 -9.87
C GLN A 208 3.91 -28.97 -9.65
N PHE A 209 3.35 -28.34 -10.68
CA PHE A 209 2.89 -26.96 -10.52
C PHE A 209 1.61 -26.65 -11.28
N TYR A 210 0.82 -25.71 -10.73
CA TYR A 210 -0.45 -25.30 -11.30
C TYR A 210 -0.42 -23.81 -11.62
N PHE A 211 -0.79 -23.48 -12.85
CA PHE A 211 -1.04 -22.10 -13.22
C PHE A 211 -2.41 -21.68 -12.69
N THR A 212 -2.42 -20.63 -11.88
CA THR A 212 -3.65 -20.16 -11.25
C THR A 212 -3.87 -18.67 -11.48
N LEU A 213 -5.12 -18.24 -11.30
CA LEU A 213 -5.49 -16.84 -11.43
C LEU A 213 -6.28 -16.42 -10.20
N TYR A 214 -5.84 -15.33 -9.60
CA TYR A 214 -6.54 -14.70 -8.49
C TYR A 214 -7.04 -13.33 -8.92
N THR A 215 -8.27 -13.01 -8.52
CA THR A 215 -8.96 -11.78 -8.91
C THR A 215 -9.49 -11.07 -7.66
N LYS A 216 -9.55 -9.73 -7.68
CA LYS A 216 -10.06 -8.97 -6.52
C LYS A 216 -11.48 -9.40 -6.14
N LYS A 217 -11.72 -9.57 -4.85
CA LYS A 217 -13.06 -9.89 -4.36
C LYS A 217 -13.96 -8.69 -4.61
N LEU A 218 -15.27 -8.92 -4.69
CA LEU A 218 -16.24 -7.82 -4.79
C LEU A 218 -16.08 -6.85 -3.61
N GLU A 219 -16.27 -5.56 -3.86
CA GLU A 219 -16.21 -4.56 -2.81
C GLU A 219 -17.56 -3.87 -2.62
N HIS A 220 -17.90 -3.56 -1.37
CA HIS A 220 -19.09 -2.76 -1.09
C HIS A 220 -18.91 -1.35 -1.56
N HIS A 221 -20.03 -0.65 -1.78
CA HIS A 221 -20.00 0.75 -2.19
C HIS A 221 -20.12 1.63 -0.97
N HIS A 222 -18.97 2.11 -0.47
CA HIS A 222 -18.97 2.91 0.75
C HIS A 222 -19.01 4.36 0.44
N HIS A 223 -18.26 4.76 -0.58
CA HIS A 223 -18.13 6.14 -0.96
C HIS A 223 -17.67 6.26 -2.38
N HIS A 224 -18.24 7.22 -3.10
CA HIS A 224 -17.78 7.58 -4.42
C HIS A 224 -17.54 9.07 -4.39
N HIS A 225 -16.35 9.51 -4.81
CA HIS A 225 -16.00 10.93 -4.74
C HIS A 225 -16.84 11.79 -5.66
N HIS A 226 -17.46 12.83 -5.10
CA HIS A 226 -18.21 13.82 -5.87
C HIS A 226 -17.67 15.21 -5.67
N HIS A 227 -17.82 16.05 -6.70
CA HIS A 227 -17.36 17.45 -6.63
C HIS A 227 -18.38 18.38 -6.04
N LYS B 3 5.22 -3.25 16.86
CA LYS B 3 5.07 -3.19 18.33
C LYS B 3 4.52 -1.84 18.75
N VAL B 4 4.91 -0.79 18.05
CA VAL B 4 4.43 0.58 18.32
C VAL B 4 3.20 0.86 17.42
N PRO B 5 2.07 1.33 18.00
CA PRO B 5 0.90 1.57 17.13
C PRO B 5 1.13 2.69 16.11
N VAL B 6 0.64 2.48 14.89
CA VAL B 6 0.71 3.49 13.83
C VAL B 6 -0.69 4.07 13.63
N VAL B 7 -0.80 5.39 13.79
CA VAL B 7 -2.10 6.06 13.83
C VAL B 7 -2.13 7.24 12.87
N GLY B 8 -3.01 7.19 11.89
CA GLY B 8 -3.22 8.31 11.00
C GLY B 8 -4.07 9.32 11.73
N ILE B 9 -3.67 10.59 11.66
CA ILE B 9 -4.48 11.66 12.26
C ILE B 9 -4.73 12.72 11.18
N VAL B 10 -5.99 13.12 11.06
CA VAL B 10 -6.44 13.96 9.96
C VAL B 10 -7.71 14.69 10.38
N ALA B 11 -7.92 15.87 9.80
CA ALA B 11 -9.16 16.63 9.94
C ALA B 11 -9.78 16.72 8.55
N ALA B 12 -11.02 16.23 8.41
CA ALA B 12 -11.67 16.07 7.11
C ALA B 12 -13.09 16.63 7.10
N LEU B 13 -13.45 17.34 6.03
CA LEU B 13 -14.79 17.94 5.88
C LEU B 13 -15.75 16.98 5.21
N LEU B 14 -16.86 16.69 5.89
CA LEU B 14 -17.89 15.81 5.33
C LEU B 14 -18.70 16.52 4.25
N PRO B 15 -19.27 15.78 3.28
CA PRO B 15 -19.23 14.32 3.16
C PRO B 15 -18.11 13.76 2.30
N GLU B 16 -17.39 14.61 1.56
CA GLU B 16 -16.33 14.12 0.65
C GLU B 16 -15.00 13.84 1.35
N MET B 17 -14.91 14.25 2.61
CA MET B 17 -13.67 14.16 3.40
C MET B 17 -12.52 14.96 2.78
N GLY B 18 -12.82 16.21 2.42
CA GLY B 18 -11.79 17.12 1.92
C GLY B 18 -10.87 17.52 3.05
N ILE B 19 -9.57 17.68 2.75
CA ILE B 19 -8.54 17.93 3.79
C ILE B 19 -7.61 19.09 3.44
N GLY B 20 -7.65 19.58 2.19
CA GLY B 20 -6.69 20.59 1.75
C GLY B 20 -7.11 21.37 0.52
N PHE B 21 -6.48 22.53 0.32
CA PHE B 21 -6.70 23.34 -0.86
C PHE B 21 -5.45 24.19 -1.11
N GLN B 22 -4.89 24.06 -2.31
CA GLN B 22 -3.69 24.80 -2.72
C GLN B 22 -2.54 24.75 -1.71
N GLY B 23 -2.26 23.55 -1.20
CA GLY B 23 -1.11 23.33 -0.30
C GLY B 23 -1.32 23.70 1.16
N ASN B 24 -2.53 24.13 1.50
CA ASN B 24 -2.89 24.53 2.86
C ASN B 24 -4.15 23.84 3.33
N LEU B 25 -4.45 23.99 4.62
CA LEU B 25 -5.72 23.56 5.19
C LEU B 25 -6.86 24.47 4.68
N PRO B 26 -8.08 23.94 4.50
CA PRO B 26 -9.16 24.80 4.01
C PRO B 26 -9.88 25.63 5.10
N TRP B 27 -9.42 25.54 6.33
CA TRP B 27 -10.01 26.27 7.46
C TRP B 27 -8.91 26.58 8.43
N ARG B 28 -9.22 27.39 9.43
CA ARG B 28 -8.29 27.65 10.52
C ARG B 28 -9.06 27.55 11.84
N LEU B 29 -8.96 26.40 12.49
CA LEU B 29 -9.73 26.12 13.69
C LEU B 29 -8.79 25.84 14.86
N ALA B 30 -8.71 26.80 15.79
CA ALA B 30 -7.75 26.73 16.89
C ALA B 30 -8.03 25.54 17.83
N LYS B 31 -9.31 25.24 18.06
CA LYS B 31 -9.69 24.11 18.92
C LYS B 31 -9.28 22.77 18.27
N GLU B 32 -9.35 22.72 16.94
CA GLU B 32 -8.95 21.51 16.23
C GLU B 32 -7.43 21.36 16.28
N MET B 33 -6.71 22.48 16.07
CA MET B 33 -5.25 22.51 16.13
CA MET B 33 -5.25 22.56 16.15
C MET B 33 -4.76 22.14 17.54
N LYS B 34 -5.49 22.58 18.57
CA LYS B 34 -5.18 22.25 19.96
C LYS B 34 -5.27 20.74 20.20
N TYR B 35 -6.35 20.13 19.69
CA TYR B 35 -6.53 18.68 19.78
C TYR B 35 -5.39 17.98 19.08
N PHE B 36 -5.06 18.40 17.86
CA PHE B 36 -3.98 17.78 17.11
C PHE B 36 -2.67 17.87 17.91
N ARG B 37 -2.36 19.07 18.39
CA ARG B 37 -1.15 19.30 19.20
C ARG B 37 -1.09 18.41 20.41
N GLU B 38 -2.14 18.45 21.24
CA GLU B 38 -2.17 17.66 22.47
C GLU B 38 -2.09 16.15 22.22
N VAL B 39 -2.90 15.63 21.30
CA VAL B 39 -2.87 14.20 20.97
C VAL B 39 -1.48 13.75 20.53
N THR B 40 -0.89 14.47 19.59
CA THR B 40 0.42 14.06 19.05
C THR B 40 1.58 14.30 20.01
N THR B 41 1.44 15.26 20.93
CA THR B 41 2.51 15.58 21.88
C THR B 41 2.49 14.67 23.10
N LEU B 42 1.33 14.57 23.74
CA LEU B 42 1.20 13.84 25.00
C LEU B 42 1.42 12.34 24.87
N THR B 43 1.98 11.77 25.93
CA THR B 43 2.18 10.33 26.02
C THR B 43 1.67 9.84 27.39
N ASN B 44 1.31 8.58 27.48
CA ASN B 44 1.01 7.99 28.77
C ASN B 44 2.27 7.79 29.59
N ASP B 45 3.37 7.43 28.93
CA ASP B 45 4.64 7.23 29.60
C ASP B 45 5.55 8.46 29.40
N ASN B 46 5.89 9.13 30.52
CA ASN B 46 6.67 10.39 30.55
C ASN B 46 8.05 10.35 29.92
N SER B 47 8.59 9.14 29.78
CA SER B 47 9.94 8.91 29.26
C SER B 47 9.94 8.70 27.75
N LYS B 48 8.75 8.62 27.14
CA LYS B 48 8.61 8.43 25.70
C LYS B 48 8.17 9.70 24.96
N GLN B 49 8.35 9.71 23.65
CA GLN B 49 7.78 10.72 22.78
C GLN B 49 7.05 10.00 21.67
N ASN B 50 6.19 10.73 20.96
CA ASN B 50 5.58 10.19 19.75
C ASN B 50 6.37 10.65 18.55
N VAL B 51 6.22 9.91 17.45
CA VAL B 51 6.73 10.32 16.16
C VAL B 51 5.60 10.95 15.36
N VAL B 52 5.91 12.01 14.61
CA VAL B 52 5.00 12.51 13.57
C VAL B 52 5.69 12.39 12.21
N ILE B 53 5.08 11.64 11.31
CA ILE B 53 5.60 11.46 9.94
C ILE B 53 4.74 12.25 8.96
N MET B 54 5.39 12.97 8.07
CA MET B 54 4.69 13.78 7.08
C MET B 54 5.40 13.81 5.75
N GLY B 55 4.62 14.02 4.70
CA GLY B 55 5.15 14.27 3.38
C GLY B 55 5.80 15.64 3.28
N ARG B 56 6.69 15.75 2.31
CA ARG B 56 7.43 16.98 2.02
C ARG B 56 6.52 18.20 1.89
N LYS B 57 5.43 18.09 1.12
CA LYS B 57 4.53 19.23 0.91
C LYS B 57 3.85 19.67 2.22
N THR B 58 3.47 18.69 3.05
CA THR B 58 2.87 19.04 4.34
C THR B 58 3.87 19.77 5.25
N TRP B 59 5.11 19.28 5.27
CA TRP B 59 6.20 19.99 5.97
C TRP B 59 6.26 21.45 5.55
N GLU B 60 6.25 21.68 4.24
CA GLU B 60 6.35 23.03 3.70
C GLU B 60 5.15 23.91 4.06
N SER B 61 4.02 23.29 4.43
CA SER B 61 2.80 24.02 4.80
C SER B 61 2.80 24.56 6.23
N ILE B 62 3.65 23.98 7.08
CA ILE B 62 3.71 24.41 8.48
C ILE B 62 4.51 25.71 8.59
N PRO B 63 3.97 26.73 9.30
CA PRO B 63 4.72 27.97 9.50
C PRO B 63 6.11 27.71 10.06
N GLN B 64 7.13 28.33 9.46
CA GLN B 64 8.53 28.07 9.81
C GLN B 64 8.89 28.26 11.27
N LYS B 65 8.20 29.17 11.96
CA LYS B 65 8.49 29.39 13.38
C LYS B 65 7.99 28.26 14.26
N PHE B 66 7.16 27.38 13.69
CA PHE B 66 6.50 26.31 14.45
C PHE B 66 6.90 24.91 13.99
N ARG B 67 7.91 24.83 13.13
CA ARG B 67 8.49 23.57 12.67
C ARG B 67 9.97 23.51 13.08
N PRO B 68 10.47 22.32 13.49
CA PRO B 68 9.76 21.06 13.64
C PRO B 68 8.82 21.13 14.82
N LEU B 69 7.75 20.34 14.78
CA LEU B 69 6.75 20.33 15.83
C LEU B 69 7.42 19.95 17.15
N PRO B 70 7.38 20.84 18.16
CA PRO B 70 8.08 20.61 19.43
C PRO B 70 7.62 19.35 20.16
N LYS B 71 8.56 18.70 20.84
CA LYS B 71 8.29 17.61 21.78
C LYS B 71 7.84 16.31 21.08
N ARG B 72 8.04 16.28 19.76
CA ARG B 72 7.75 15.11 18.94
C ARG B 72 8.90 14.89 17.96
N ILE B 73 9.27 13.64 17.74
CA ILE B 73 10.23 13.32 16.67
C ILE B 73 9.57 13.55 15.29
N ASN B 74 10.13 14.48 14.51
CA ASN B 74 9.58 14.81 13.19
C ASN B 74 10.29 14.03 12.10
N VAL B 75 9.53 13.35 11.25
CA VAL B 75 10.08 12.71 10.07
C VAL B 75 9.42 13.31 8.82
N VAL B 76 10.25 13.77 7.89
CA VAL B 76 9.75 14.25 6.60
C VAL B 76 10.19 13.28 5.50
N VAL B 77 9.23 12.89 4.66
CA VAL B 77 9.50 11.97 3.56
C VAL B 77 9.45 12.64 2.18
N SER B 78 10.48 12.37 1.40
CA SER B 78 10.63 12.92 0.04
C SER B 78 11.42 11.89 -0.72
N ARG B 79 11.03 11.63 -1.96
CA ARG B 79 11.77 10.66 -2.79
C ARG B 79 13.17 11.15 -3.11
N SER B 80 13.41 12.46 -2.93
CA SER B 80 14.72 13.06 -3.24
CA SER B 80 14.71 13.08 -3.24
C SER B 80 15.70 12.95 -2.07
N PHE B 81 15.22 12.43 -0.94
CA PHE B 81 16.07 12.25 0.24
C PHE B 81 16.94 11.00 0.09
N ASP B 82 17.93 10.84 0.98
CA ASP B 82 19.03 9.90 0.77
C ASP B 82 18.79 8.46 1.20
N GLY B 83 18.15 8.27 2.35
CA GLY B 83 18.04 6.93 2.93
C GLY B 83 16.78 6.67 3.71
N GLU B 84 16.82 5.58 4.46
CA GLU B 84 15.65 5.02 5.13
C GLU B 84 15.17 5.94 6.25
N LEU B 85 16.12 6.52 6.99
CA LEU B 85 15.83 7.32 8.16
C LEU B 85 17.13 7.95 8.63
N ARG B 86 17.27 9.24 8.38
CA ARG B 86 18.52 9.93 8.58
C ARG B 86 18.28 11.20 9.39
N LYS B 87 19.07 11.41 10.44
CA LYS B 87 18.99 12.66 11.18
C LYS B 87 19.59 13.78 10.34
N VAL B 88 18.86 14.87 10.17
CA VAL B 88 19.38 16.03 9.41
C VAL B 88 19.55 17.28 10.26
N GLU B 89 18.75 17.41 11.30
CA GLU B 89 18.85 18.50 12.28
C GLU B 89 18.22 18.03 13.58
N ASP B 90 18.41 18.80 14.67
CA ASP B 90 17.77 18.47 15.93
C ASP B 90 16.27 18.38 15.74
N GLY B 91 15.70 17.22 16.06
CA GLY B 91 14.25 17.04 15.96
C GLY B 91 13.75 16.66 14.58
N ILE B 92 14.64 16.66 13.59
CA ILE B 92 14.27 16.38 12.19
C ILE B 92 15.01 15.17 11.62
N TYR B 93 14.21 14.20 11.18
CA TYR B 93 14.68 13.06 10.40
C TYR B 93 14.15 13.13 8.97
N HIS B 94 14.98 12.69 8.03
CA HIS B 94 14.59 12.61 6.63
C HIS B 94 14.57 11.17 6.17
N SER B 95 13.53 10.83 5.41
CA SER B 95 13.41 9.51 4.81
C SER B 95 12.96 9.59 3.36
N ASN B 96 13.50 8.71 2.53
CA ASN B 96 13.08 8.59 1.14
C ASN B 96 12.01 7.51 0.95
N SER B 97 11.42 7.03 2.04
CA SER B 97 10.41 5.96 1.97
C SER B 97 9.49 5.88 3.19
N LEU B 98 8.20 6.16 2.98
CA LEU B 98 7.24 6.03 4.07
C LEU B 98 7.33 4.64 4.74
N ARG B 99 7.31 3.60 3.91
CA ARG B 99 7.28 2.20 4.37
C ARG B 99 8.56 1.79 5.09
N ASN B 100 9.71 2.14 4.53
CA ASN B 100 10.99 1.78 5.15
C ASN B 100 11.23 2.61 6.41
N CYS B 101 10.78 3.86 6.39
CA CYS B 101 10.82 4.71 7.57
C CYS B 101 10.12 4.01 8.75
N LEU B 102 8.90 3.53 8.52
CA LEU B 102 8.12 2.84 9.56
C LEU B 102 8.82 1.57 10.09
N THR B 103 9.35 0.75 9.18
CA THR B 103 10.15 -0.41 9.59
C THR B 103 11.30 -0.01 10.50
N ALA B 104 12.09 0.98 10.06
CA ALA B 104 13.23 1.48 10.80
C ALA B 104 12.81 2.00 12.18
N LEU B 105 11.71 2.75 12.23
CA LEU B 105 11.22 3.28 13.50
C LEU B 105 10.74 2.19 14.45
N GLN B 106 10.36 1.03 13.89
CA GLN B 106 9.84 -0.07 14.68
C GLN B 106 10.93 -0.94 15.35
N SER B 107 12.19 -0.79 14.92
CA SER B 107 13.30 -1.53 15.51
C SER B 107 13.52 -1.12 16.96
N SER B 108 13.33 -2.08 17.88
CA SER B 108 13.53 -1.83 19.31
C SER B 108 14.99 -1.45 19.61
N LEU B 109 15.90 -1.92 18.76
CA LEU B 109 17.31 -1.59 18.90
C LEU B 109 17.55 -0.11 18.62
N ALA B 110 16.98 0.39 17.52
CA ALA B 110 17.15 1.80 17.16
C ALA B 110 16.36 2.72 18.08
N ASN B 111 15.17 2.28 18.49
CA ASN B 111 14.24 3.15 19.20
C ASN B 111 14.27 3.02 20.73
N GLU B 112 14.95 1.98 21.21
CA GLU B 112 15.11 1.70 22.65
C GLU B 112 13.78 1.65 23.41
N ASN B 113 12.73 1.23 22.72
CA ASN B 113 11.37 1.28 23.24
C ASN B 113 11.02 2.65 23.89
N LYS B 114 11.55 3.74 23.33
CA LYS B 114 11.22 5.11 23.79
C LYS B 114 10.23 5.90 22.91
N ILE B 115 9.58 5.20 21.97
CA ILE B 115 8.54 5.79 21.14
C ILE B 115 7.23 5.19 21.57
N GLU B 116 6.25 6.02 21.93
CA GLU B 116 4.95 5.49 22.35
C GLU B 116 4.06 5.18 21.14
N ARG B 117 3.81 6.20 20.32
CA ARG B 117 3.08 6.02 19.06
C ARG B 117 3.74 6.73 17.89
N ILE B 118 3.40 6.26 16.69
CA ILE B 118 3.79 6.89 15.44
C ILE B 118 2.53 7.46 14.82
N TYR B 119 2.45 8.79 14.75
CA TYR B 119 1.35 9.48 14.08
C TYR B 119 1.74 9.86 12.65
N ILE B 120 0.92 9.42 11.70
CA ILE B 120 1.02 9.88 10.32
C ILE B 120 0.11 11.11 10.15
N ILE B 121 0.74 12.26 9.86
CA ILE B 121 0.04 13.54 10.01
C ILE B 121 -0.24 14.25 8.68
N GLY B 122 -0.10 13.54 7.56
CA GLY B 122 -0.45 14.10 6.26
C GLY B 122 0.68 14.15 5.26
N GLY B 123 0.42 14.52 4.01
CA GLY B 123 -0.91 14.96 3.55
C GLY B 123 -1.59 13.93 2.66
N GLY B 124 -2.28 14.39 1.62
CA GLY B 124 -3.11 13.51 0.77
C GLY B 124 -2.40 12.28 0.23
N GLU B 125 -1.25 12.49 -0.40
CA GLU B 125 -0.45 11.39 -0.95
C GLU B 125 -0.04 10.37 0.11
N ILE B 126 0.41 10.90 1.25
CA ILE B 126 0.85 10.08 2.37
C ILE B 126 -0.32 9.25 2.92
N TYR B 127 -1.46 9.90 3.18
CA TYR B 127 -2.65 9.21 3.68
C TYR B 127 -3.12 8.06 2.74
N ARG B 128 -3.08 8.31 1.43
CA ARG B 128 -3.42 7.32 0.41
C ARG B 128 -2.63 6.03 0.63
N GLN B 129 -1.33 6.20 0.87
CA GLN B 129 -0.41 5.08 1.05
C GLN B 129 -0.47 4.50 2.45
N SER B 130 -1.22 5.14 3.34
CA SER B 130 -1.22 4.76 4.75
C SER B 130 -2.40 3.88 5.16
N MET B 131 -3.37 3.70 4.27
CA MET B 131 -4.55 2.87 4.56
C MET B 131 -4.19 1.43 4.96
N ASP B 132 -3.15 0.89 4.34
CA ASP B 132 -2.68 -0.45 4.69
C ASP B 132 -1.56 -0.46 5.72
N LEU B 133 -1.20 0.71 6.22
CA LEU B 133 -0.13 0.82 7.21
C LEU B 133 -0.65 1.16 8.60
N ALA B 134 -1.72 1.95 8.67
CA ALA B 134 -2.24 2.42 9.94
C ALA B 134 -3.01 1.35 10.71
N ASP B 135 -2.84 1.35 12.03
CA ASP B 135 -3.60 0.48 12.91
C ASP B 135 -4.93 1.15 13.26
N HIS B 136 -4.92 2.47 13.34
CA HIS B 136 -6.11 3.26 13.66
C HIS B 136 -6.08 4.53 12.87
N TRP B 137 -7.23 5.20 12.81
CA TRP B 137 -7.31 6.58 12.31
C TRP B 137 -8.01 7.42 13.33
N LEU B 138 -7.38 8.54 13.70
CA LEU B 138 -8.09 9.60 14.44
C LEU B 138 -8.55 10.63 13.41
N ILE B 139 -9.86 10.69 13.20
CA ILE B 139 -10.42 11.56 12.17
C ILE B 139 -11.31 12.57 12.85
N THR B 140 -11.00 13.84 12.66
CA THR B 140 -11.90 14.90 13.05
C THR B 140 -12.90 15.13 11.89
N LYS B 141 -14.16 14.81 12.11
CA LYS B 141 -15.16 14.98 11.06
C LYS B 141 -15.78 16.38 11.18
N ILE B 142 -15.58 17.19 10.14
CA ILE B 142 -15.99 18.59 10.15
C ILE B 142 -17.21 18.81 9.25
N MET B 143 -18.18 19.57 9.75
CA MET B 143 -19.39 19.88 9.02
C MET B 143 -19.64 21.38 9.06
N PRO B 144 -19.91 21.99 7.90
CA PRO B 144 -20.28 23.41 7.90
C PRO B 144 -21.65 23.51 8.54
N LEU B 145 -21.80 24.46 9.47
CA LEU B 145 -23.12 24.75 10.06
C LEU B 145 -24.04 25.29 8.97
N PRO B 146 -25.38 25.23 9.19
CA PRO B 146 -26.35 25.58 8.14
C PRO B 146 -26.06 26.84 7.29
N GLU B 147 -25.64 27.95 7.89
CA GLU B 147 -25.40 29.14 7.05
C GLU B 147 -23.94 29.31 6.60
N THR B 148 -23.14 28.25 6.72
CA THR B 148 -21.71 28.32 6.41
C THR B 148 -21.40 27.87 4.99
N THR B 149 -20.68 28.71 4.23
CA THR B 149 -20.18 28.33 2.92
C THR B 149 -19.22 27.12 2.97
N ILE B 150 -19.45 26.11 2.15
CA ILE B 150 -18.50 24.99 2.04
C ILE B 150 -17.21 25.50 1.39
N PRO B 151 -16.05 25.32 2.07
CA PRO B 151 -14.81 25.84 1.49
C PRO B 151 -14.37 25.06 0.24
N GLN B 152 -13.60 25.69 -0.64
CA GLN B 152 -13.07 25.00 -1.82
C GLN B 152 -11.96 24.04 -1.39
N MET B 153 -11.91 22.85 -1.97
CA MET B 153 -10.94 21.82 -1.58
C MET B 153 -10.43 21.07 -2.80
N ASP B 154 -9.17 20.63 -2.76
CA ASP B 154 -8.58 19.91 -3.90
C ASP B 154 -7.88 18.61 -3.49
N THR B 155 -7.97 18.27 -2.21
CA THR B 155 -7.30 17.07 -1.66
C THR B 155 -8.26 16.38 -0.69
N PHE B 156 -8.31 15.05 -0.78
CA PHE B 156 -9.35 14.27 -0.11
C PHE B 156 -8.81 12.99 0.54
N LEU B 157 -9.37 12.61 1.69
CA LEU B 157 -9.08 11.32 2.29
C LEU B 157 -9.83 10.27 1.46
N GLN B 158 -9.24 9.10 1.31
CA GLN B 158 -9.89 8.01 0.58
C GLN B 158 -10.92 7.31 1.47
N LYS B 159 -12.13 7.84 1.46
CA LYS B 159 -13.20 7.38 2.34
C LYS B 159 -13.63 5.94 2.03
N GLN B 160 -13.65 5.58 0.75
CA GLN B 160 -13.97 4.20 0.33
C GLN B 160 -13.00 3.22 1.00
N GLU B 161 -11.71 3.49 0.85
CA GLU B 161 -10.66 2.61 1.41
C GLU B 161 -10.71 2.58 2.92
N LEU B 162 -10.97 3.73 3.54
CA LEU B 162 -11.15 3.78 4.99
C LEU B 162 -12.28 2.85 5.44
N GLU B 163 -13.45 2.96 4.81
CA GLU B 163 -14.62 2.19 5.24
C GLU B 163 -14.53 0.70 4.88
N GLN B 164 -13.74 0.36 3.86
CA GLN B 164 -13.43 -1.05 3.59
C GLN B 164 -12.62 -1.70 4.71
N ARG B 165 -11.64 -0.98 5.25
CA ARG B 165 -10.62 -1.56 6.13
C ARG B 165 -10.88 -1.31 7.61
N PHE B 166 -11.56 -0.22 7.92
CA PHE B 166 -11.74 0.22 9.30
C PHE B 166 -13.22 0.37 9.64
N TYR B 167 -13.52 0.29 10.92
CA TYR B 167 -14.87 0.55 11.38
C TYR B 167 -14.81 1.71 12.37
N ASP B 168 -15.96 2.34 12.59
CA ASP B 168 -16.07 3.45 13.52
C ASP B 168 -16.06 2.97 14.98
N ASN B 169 -14.95 3.24 15.66
CA ASN B 169 -14.70 2.76 17.04
C ASN B 169 -14.74 3.92 18.04
N SER B 170 -15.50 4.97 17.72
CA SER B 170 -15.50 6.19 18.53
C SER B 170 -15.99 6.03 19.97
N ASP B 171 -16.72 4.93 20.23
CA ASP B 171 -17.07 4.56 21.62
C ASP B 171 -15.82 4.40 22.48
N LYS B 172 -14.69 4.06 21.87
CA LYS B 172 -13.45 3.88 22.60
C LYS B 172 -12.46 5.03 22.42
N LEU B 173 -12.88 6.13 21.77
CA LEU B 173 -11.97 7.28 21.60
C LEU B 173 -11.35 7.75 22.92
N VAL B 174 -12.20 8.02 23.92
CA VAL B 174 -11.75 8.52 25.22
C VAL B 174 -10.67 7.63 25.84
N ASP B 175 -10.90 6.31 25.86
CA ASP B 175 -9.90 5.35 26.33
C ASP B 175 -8.60 5.38 25.53
N PHE B 176 -8.69 5.70 24.23
CA PHE B 176 -7.57 5.59 23.30
C PHE B 176 -6.60 6.76 23.39
N LEU B 177 -7.13 7.93 23.76
CA LEU B 177 -6.33 9.13 23.84
C LEU B 177 -5.42 9.13 25.07
N PRO B 178 -4.27 9.81 24.99
CA PRO B 178 -3.39 9.88 26.16
C PRO B 178 -4.19 10.35 27.37
N SER B 179 -3.93 9.72 28.52
CA SER B 179 -4.68 9.97 29.76
C SER B 179 -4.94 11.43 30.10
N SER B 180 -3.94 12.28 29.93
CA SER B 180 -4.01 13.63 30.47
C SER B 180 -4.82 14.64 29.64
N ILE B 181 -5.19 14.27 28.40
CA ILE B 181 -6.04 15.15 27.58
C ILE B 181 -7.44 15.22 28.19
N GLN B 182 -8.04 16.42 28.16
CA GLN B 182 -9.43 16.58 28.55
C GLN B 182 -10.23 17.19 27.40
N LEU B 183 -11.43 16.67 27.20
CA LEU B 183 -12.27 17.11 26.10
C LEU B 183 -13.59 17.67 26.63
N GLU B 184 -14.11 18.69 25.95
CA GLU B 184 -15.32 19.41 26.38
C GLU B 184 -16.58 18.56 26.20
N GLY B 185 -16.67 17.87 25.07
CA GLY B 185 -17.92 17.19 24.70
C GLY B 185 -18.27 15.95 25.49
N ARG B 186 -19.39 15.33 25.11
CA ARG B 186 -19.70 13.97 25.51
C ARG B 186 -20.01 13.20 24.24
N LEU B 187 -19.74 11.90 24.23
CA LEU B 187 -20.02 11.06 23.06
C LEU B 187 -21.44 11.26 22.55
N THR B 188 -21.55 11.60 21.27
CA THR B 188 -22.83 11.93 20.62
C THR B 188 -22.89 11.24 19.27
N SER B 189 -24.09 10.78 18.89
CA SER B 189 -24.34 10.23 17.57
C SER B 189 -25.37 11.09 16.85
N GLN B 190 -25.02 11.57 15.66
CA GLN B 190 -25.87 12.48 14.93
C GLN B 190 -25.87 12.10 13.47
N GLU B 191 -27.05 12.15 12.86
CA GLU B 191 -27.18 11.91 11.43
C GLU B 191 -26.90 13.22 10.70
N TRP B 192 -26.07 13.14 9.67
CA TRP B 192 -25.76 14.32 8.88
C TRP B 192 -25.64 13.94 7.43
N ASN B 193 -26.57 14.45 6.63
CA ASN B 193 -26.65 14.13 5.20
C ASN B 193 -26.49 12.65 4.86
N GLY B 194 -27.25 11.83 5.57
CA GLY B 194 -27.28 10.39 5.32
C GLY B 194 -26.41 9.53 6.21
N GLU B 195 -25.25 10.06 6.64
CA GLU B 195 -24.29 9.26 7.42
C GLU B 195 -24.36 9.49 8.93
N LEU B 196 -24.11 8.43 9.69
CA LEU B 196 -23.98 8.49 11.14
C LEU B 196 -22.62 9.09 11.53
N VAL B 197 -22.67 10.19 12.26
CA VAL B 197 -21.49 10.86 12.78
C VAL B 197 -21.46 10.67 14.29
N LYS B 198 -20.46 9.93 14.76
CA LYS B 198 -20.33 9.63 16.18
C LYS B 198 -18.98 10.09 16.71
N GLY B 199 -18.98 10.80 17.83
CA GLY B 199 -17.76 11.23 18.46
C GLY B 199 -17.96 12.34 19.47
N LEU B 200 -16.89 13.07 19.72
CA LEU B 200 -16.91 14.13 20.73
C LEU B 200 -17.04 15.47 20.03
N PRO B 201 -18.12 16.19 20.31
CA PRO B 201 -18.42 17.32 19.46
C PRO B 201 -17.80 18.64 19.94
N VAL B 202 -17.50 19.50 18.96
CA VAL B 202 -17.01 20.85 19.20
C VAL B 202 -17.61 21.79 18.13
N GLN B 203 -17.78 23.05 18.48
CA GLN B 203 -18.18 24.05 17.49
C GLN B 203 -17.17 25.18 17.50
N GLU B 204 -16.77 25.62 16.30
CA GLU B 204 -15.86 26.75 16.19
C GLU B 204 -16.02 27.44 14.86
N LYS B 205 -16.12 28.77 14.92
CA LYS B 205 -16.37 29.61 13.78
C LYS B 205 -17.63 29.07 13.08
N GLY B 206 -17.55 28.79 11.79
CA GLY B 206 -18.77 28.35 11.08
C GLY B 206 -19.03 26.85 11.12
N TYR B 207 -18.22 26.11 11.86
CA TYR B 207 -18.22 24.64 11.77
C TYR B 207 -18.56 23.91 13.06
N GLN B 208 -19.22 22.76 12.90
CA GLN B 208 -19.26 21.76 13.96
C GLN B 208 -18.32 20.62 13.57
N PHE B 209 -17.60 20.08 14.54
CA PHE B 209 -16.76 18.92 14.27
C PHE B 209 -16.75 17.91 15.39
N TYR B 210 -16.43 16.67 15.04
CA TYR B 210 -16.50 15.54 15.95
C TYR B 210 -15.16 14.84 15.91
N PHE B 211 -14.60 14.61 17.09
CA PHE B 211 -13.42 13.76 17.22
C PHE B 211 -13.85 12.29 17.18
N THR B 212 -13.28 11.55 16.25
CA THR B 212 -13.67 10.16 16.04
C THR B 212 -12.45 9.24 15.98
N LEU B 213 -12.70 7.96 16.21
CA LEU B 213 -11.65 6.94 16.16
C LEU B 213 -12.08 5.80 15.26
N TYR B 214 -11.21 5.45 14.32
CA TYR B 214 -11.45 4.30 13.44
C TYR B 214 -10.37 3.26 13.72
N THR B 215 -10.78 1.99 13.78
CA THR B 215 -9.90 0.87 14.14
C THR B 215 -10.04 -0.22 13.05
N LYS B 216 -8.98 -0.99 12.80
CA LYS B 216 -9.02 -2.06 11.79
C LYS B 216 -10.12 -3.08 12.08
N LYS B 217 -10.86 -3.47 11.04
CA LYS B 217 -11.88 -4.51 11.18
C LYS B 217 -11.19 -5.82 11.50
N LEU B 218 -11.93 -6.76 12.09
CA LEU B 218 -11.40 -8.11 12.34
C LEU B 218 -10.96 -8.76 11.02
N GLU B 219 -9.88 -9.53 11.04
CA GLU B 219 -9.37 -10.27 9.88
C GLU B 219 -9.54 -11.77 10.10
N HIS B 220 -9.91 -12.49 9.04
CA HIS B 220 -9.87 -13.95 9.05
C HIS B 220 -8.44 -14.44 9.05
N HIS B 221 -8.23 -15.67 9.54
CA HIS B 221 -6.92 -16.29 9.58
C HIS B 221 -6.73 -17.12 8.33
N HIS B 222 -6.08 -16.54 7.33
CA HIS B 222 -5.89 -17.23 6.06
C HIS B 222 -4.58 -17.95 6.02
N HIS B 223 -3.55 -17.30 6.53
CA HIS B 223 -2.21 -17.87 6.54
C HIS B 223 -1.35 -17.23 7.59
N HIS B 224 -0.57 -18.05 8.27
CA HIS B 224 0.47 -17.57 9.18
C HIS B 224 1.77 -18.16 8.72
N HIS B 225 2.76 -17.32 8.46
CA HIS B 225 4.06 -17.79 7.97
C HIS B 225 4.77 -18.73 8.93
N HIS B 226 5.10 -19.91 8.44
CA HIS B 226 5.87 -20.91 9.20
C HIS B 226 7.19 -21.22 8.58
N HIS B 227 8.17 -21.56 9.42
CA HIS B 227 9.48 -22.00 8.95
C HIS B 227 9.50 -23.47 8.65
PA NDP C . 13.08 -6.73 -5.08
O1A NDP C . 11.71 -6.54 -4.52
O2A NDP C . 13.30 -7.35 -6.44
O5B NDP C . 13.86 -5.33 -5.07
C5B NDP C . 13.83 -4.52 -3.90
C4B NDP C . 14.41 -3.18 -4.30
O4B NDP C . 13.46 -2.46 -5.09
C3B NDP C . 14.68 -2.30 -3.10
O3B NDP C . 15.91 -2.67 -2.45
C2B NDP C . 14.64 -0.92 -3.73
O2B NDP C . 15.82 -0.69 -4.49
C1B NDP C . 13.55 -1.06 -4.77
N9A NDP C . 12.19 -0.67 -4.32
C8A NDP C . 11.37 -1.36 -3.51
N7A NDP C . 10.19 -0.70 -3.32
C5A NDP C . 10.27 0.43 -4.03
C6A NDP C . 9.37 1.58 -4.30
N6A NDP C . 8.14 1.66 -3.73
N1A NDP C . 9.85 2.55 -5.10
C2A NDP C . 11.07 2.51 -5.68
N3A NDP C . 11.93 1.49 -5.48
C4A NDP C . 11.59 0.45 -4.69
O3 NDP C . 14.01 -7.47 -4.00
PN NDP C . 13.67 -8.67 -3.01
O1N NDP C . 14.99 -8.96 -2.35
O2N NDP C . 12.49 -8.32 -2.14
O5D NDP C . 13.24 -9.87 -3.98
C5D NDP C . 14.22 -10.56 -4.76
C4D NDP C . 13.98 -12.05 -4.61
O4D NDP C . 12.69 -12.33 -5.17
C3D NDP C . 15.02 -12.87 -5.38
O3D NDP C . 15.32 -14.04 -4.60
C2D NDP C . 14.26 -13.25 -6.64
O2D NDP C . 14.72 -14.45 -7.26
C1D NDP C . 12.81 -13.37 -6.12
N1N NDP C . 11.83 -13.33 -7.23
C2N NDP C . 11.00 -14.38 -7.39
C3N NDP C . 10.08 -14.44 -8.44
C7N NDP C . 9.18 -15.64 -8.54
O7N NDP C . 8.20 -15.61 -9.26
N7N NDP C . 9.48 -16.74 -7.83
C4N NDP C . 10.01 -13.38 -9.34
C5N NDP C . 10.88 -12.28 -9.17
C6N NDP C . 11.79 -12.29 -8.10
P2B NDP C . 17.07 0.17 -3.95
O1X NDP C . 17.60 -0.63 -2.78
O2X NDP C . 17.96 0.22 -5.16
O3X NDP C . 16.46 1.51 -3.62
CAB 18H D . 9.98 -17.03 -13.70
C6 18H D . 8.82 -16.34 -13.27
N1 18H D . 7.66 -17.01 -13.20
C2 18H D . 6.52 -16.41 -12.81
NAD 18H D . 5.38 -17.10 -12.78
N3 18H D . 6.51 -15.13 -12.45
C4 18H D . 7.63 -14.39 -12.49
NAE 18H D . 7.63 -13.11 -12.13
C5 18H D . 8.84 -14.99 -12.90
CAF 18H D . 10.09 -14.31 -12.97
CAG 18H D . 11.11 -13.78 -13.06
CBA 18H D . 12.43 -13.13 -13.13
CAC 18H D . 12.22 -11.62 -13.26
CAZ 18H D . 13.20 -13.67 -14.19
CAY 18H D . 14.41 -14.33 -13.95
CAO 18H D . 15.17 -14.85 -15.00
OAR 18H D . 14.81 -14.44 -12.65
CAA 18H D . 16.21 -14.75 -12.49
CAN 18H D . 12.78 -13.55 -15.52
CAM 18H D . 13.53 -14.06 -16.58
CAW 18H D . 14.74 -14.72 -16.32
CAV 18H D . 15.48 -15.27 -17.38
CAK 18H D . 15.19 -14.98 -18.71
CAI 18H D . 15.91 -15.58 -19.75
CAH 18H D . 16.93 -16.51 -19.46
CAJ 18H D . 17.21 -16.84 -18.14
CAL 18H D . 16.48 -16.23 -17.11
CL CL E . 7.41 3.79 0.40
CL CL F . 6.04 3.98 -4.11
CL CL G . 11.38 -13.78 -20.51
PA NDP H . 1.98 15.40 0.94
O1A NDP H . 1.40 14.02 0.97
O2A NDP H . 2.11 16.19 2.24
O5B NDP H . 3.42 15.37 0.28
C5B NDP H . 3.65 14.61 -0.92
C4B NDP H . 5.13 14.44 -1.06
O4B NDP H . 5.60 13.44 -0.14
C3B NDP H . 5.54 13.94 -2.45
O3B NDP H . 5.54 15.01 -3.41
C2B NDP H . 6.89 13.32 -2.14
O2B NDP H . 7.88 14.35 -1.97
C1B NDP H . 6.67 12.71 -0.76
N9A NDP H . 6.26 11.28 -0.74
C8A NDP H . 5.02 10.79 -1.00
N7A NDP H . 4.99 9.43 -0.86
C5A NDP H . 6.23 9.06 -0.47
C6A NDP H . 6.89 7.78 -0.15
N6A NDP H . 6.24 6.59 -0.20
N1A NDP H . 8.20 7.84 0.19
C2A NDP H . 8.90 8.99 0.25
N3A NDP H . 8.35 10.18 -0.05
C4A NDP H . 7.05 10.28 -0.40
O3 NDP H . 1.32 16.32 -0.21
PN NDP H . -0.20 16.45 -0.71
O1N NDP H . -0.15 17.53 -1.75
O2N NDP H . -0.71 15.10 -1.11
O5D NDP H . -1.02 16.96 0.57
C5D NDP H . -0.79 18.24 1.16
C4D NDP H . -2.16 18.84 1.41
O4D NDP H . -2.76 18.08 2.47
C3D NDP H . -2.11 20.30 1.87
O3D NDP H . -3.27 20.97 1.34
C2D NDP H . -2.26 20.17 3.38
O2D NDP H . -2.82 21.32 4.03
C1D NDP H . -3.17 18.95 3.53
N1N NDP H . -3.09 18.36 4.87
C2N NDP H . -4.24 18.25 5.56
C3N NDP H . -4.29 17.73 6.85
C7N NDP H . -5.61 17.65 7.57
O7N NDP H . -5.72 17.03 8.61
N7N NDP H . -6.67 18.31 7.06
C4N NDP H . -3.08 17.30 7.44
C5N NDP H . -1.89 17.43 6.70
C6N NDP H . -1.91 17.96 5.41
P2B NDP H . 8.91 14.78 -3.14
O1X NDP H . 8.03 15.42 -4.19
O2X NDP H . 9.88 15.71 -2.45
O3X NDP H . 9.55 13.49 -3.57
CAB 18H I . -4.39 20.25 12.21
C6 18H I . -4.51 18.85 12.11
N1 18H I . -5.57 18.24 12.66
C2 18H I . -5.73 16.89 12.60
NAD 18H I . -6.80 16.32 13.17
N3 18H I . -4.83 16.13 11.98
C4 18H I . -3.74 16.68 11.40
NAE 18H I . -2.84 15.94 10.78
C5 18H I . -3.55 18.07 11.45
CAF 18H I . -2.42 18.74 10.87
CAG 18H I . -1.47 19.30 10.38
CBA 18H I . -0.27 20.05 9.76
CAC 18H I . 1.04 19.30 9.99
CAZ 18H I . -0.26 21.46 10.09
CAY 18H I . 0.20 22.14 11.25
CAO 18H I . 0.12 23.54 11.35
OAR 18H I . 0.75 21.41 12.28
CAA 18H I . 0.95 22.19 13.46
CAN 18H I . -0.78 22.24 9.07
CAM 18H I . -0.88 23.62 9.15
CAW 18H I . -0.42 24.29 10.30
CAV 18H I . -0.59 25.68 10.32
CAK 18H I . -0.69 26.37 11.54
CAI 18H I . -0.89 27.76 11.54
CAH 18H I . -1.02 28.46 10.33
CAJ 18H I . -0.94 27.78 9.12
CAL 18H I . -0.73 26.40 9.12
CL CL J . 1.57 21.25 17.09
#